data_9S1U
#
_entry.id   9S1U
#
_cell.length_a   104.720
_cell.length_b   110.070
_cell.length_c   36.120
_cell.angle_alpha   90.00
_cell.angle_beta   90.00
_cell.angle_gamma   90.00
#
_symmetry.space_group_name_H-M   'P 21 21 2'
#
loop_
_entity.id
_entity.type
_entity.pdbx_description
1 polymer 'Indoleamine 2,3-dioxygenase 1'
2 non-polymer '[(1~{R},2~{S},6~{S},8~{R})-4-(4-~{tert}-butylphenyl)sulfonyl-9,9-dimethyl-4-azatricyclo[6.1.1.0^{2,6}]decan-2-yl]methyl ~{N}-(4-ethynylphenyl)carbamate'
3 non-polymer 'SULFATE ION'
4 non-polymer 'TETRAETHYLENE GLYCOL'
5 non-polymer 'TRIETHYLENE GLYCOL'
6 non-polymer DI(HYDROXYETHYL)ETHER
7 water water
#
_entity_poly.entity_id   1
_entity_poly.type   'polypeptide(L)'
_entity_poly.pdbx_seq_one_letter_code
;GPLGSGIQMENSWTISKEYHIDEEVGFALPNPQENLPDFYNDWMFIAKHLPDLIESGQLRERVEKLNMLSIDHLTDHKSQ
RLARLVLGCITMAYVWGKGHGDVRKVLPRNIAVPYCQLSKKLELPPILVYADCVLANWKKKDPNKPLTYENMDVLFSFRD
GDCSKGFFLVSLLVEIAAASAIKVIPTVFKAMQMQERDTLLKALLEIASCLEKALQVFHQIHDHVNPKAFFSVLRIYLSG
WKGNPQLSDGLVYEGFWEDPKEFAGGSAGQSSVFQCFDVLLGIQQTAGGGHAAQFLQDMRRYMPPAHRNFLCSLESNPSV
REFVLSKGDAGLREAYDACVKALVSLRSYHLQIVTKYILIPASQQPKENKTSEDPSKLEAKGTGGTDLMNFLKTVRSTTE
KSLL
;
_entity_poly.pdbx_strand_id   A
#
# COMPACT_ATOMS: atom_id res chain seq x y z
N GLY A 6 -25.04 -2.06 -5.28
CA GLY A 6 -23.93 -1.60 -4.47
C GLY A 6 -22.69 -1.24 -5.26
N ILE A 7 -22.05 -2.24 -5.88
CA ILE A 7 -20.84 -2.03 -6.65
C ILE A 7 -21.21 -1.54 -8.05
N GLN A 8 -20.75 -0.36 -8.41
CA GLN A 8 -20.95 0.14 -9.77
C GLN A 8 -20.18 -0.73 -10.77
N MET A 9 -20.82 -1.02 -11.90
CA MET A 9 -20.27 -1.91 -12.92
C MET A 9 -19.96 -1.15 -14.21
N GLU A 10 -18.84 -1.49 -14.82
CA GLU A 10 -18.54 -1.01 -16.18
C GLU A 10 -19.45 -1.69 -17.19
N ASN A 11 -19.63 -3.00 -17.06
CA ASN A 11 -20.55 -3.75 -17.91
C ASN A 11 -21.07 -4.92 -17.07
N SER A 12 -21.67 -5.91 -17.75
CA SER A 12 -22.28 -7.04 -17.05
C SER A 12 -21.25 -7.89 -16.32
N TRP A 13 -19.99 -7.79 -16.71
CA TRP A 13 -18.93 -8.65 -16.16
C TRP A 13 -17.97 -7.93 -15.22
N THR A 14 -17.69 -6.65 -15.46
CA THR A 14 -16.53 -5.96 -14.90
C THR A 14 -16.94 -4.74 -14.10
N ILE A 15 -16.33 -4.55 -12.93
CA ILE A 15 -16.67 -3.41 -12.09
C ILE A 15 -16.19 -2.12 -12.75
N SER A 16 -16.76 -1.00 -12.28
CA SER A 16 -16.46 0.29 -12.87
C SER A 16 -14.97 0.58 -12.82
N LYS A 17 -14.46 1.16 -13.90
CA LYS A 17 -13.08 1.64 -13.93
C LYS A 17 -12.85 2.76 -12.93
N GLU A 18 -13.91 3.38 -12.39
CA GLU A 18 -13.75 4.46 -11.44
CA GLU A 18 -13.75 4.47 -11.44
C GLU A 18 -13.20 3.98 -10.10
N TYR A 19 -13.27 2.68 -9.82
CA TYR A 19 -12.69 2.14 -8.59
C TYR A 19 -11.18 1.93 -8.69
N HIS A 20 -10.60 1.99 -9.89
CA HIS A 20 -9.16 1.89 -10.08
C HIS A 20 -8.64 0.56 -9.52
N ILE A 21 -9.34 -0.51 -9.85
CA ILE A 21 -8.95 -1.86 -9.46
C ILE A 21 -8.68 -2.64 -10.73
N ASP A 22 -7.48 -3.14 -10.87
CA ASP A 22 -7.03 -3.83 -12.07
C ASP A 22 -7.36 -5.31 -11.97
N GLU A 23 -7.80 -5.89 -13.09
CA GLU A 23 -8.11 -7.31 -13.12
C GLU A 23 -6.87 -8.16 -12.78
N GLU A 24 -5.70 -7.74 -13.23
CA GLU A 24 -4.51 -8.55 -13.06
C GLU A 24 -3.77 -8.26 -11.74
N VAL A 25 -3.70 -7.01 -11.28
CA VAL A 25 -2.93 -6.67 -10.09
C VAL A 25 -3.76 -6.03 -8.99
N GLY A 26 -5.08 -5.91 -9.17
CA GLY A 26 -5.95 -5.58 -8.06
C GLY A 26 -5.81 -4.13 -7.61
N PHE A 27 -5.57 -3.94 -6.30
CA PHE A 27 -5.38 -2.60 -5.76
C PHE A 27 -4.03 -2.01 -6.17
N ALA A 28 -3.10 -2.83 -6.64
CA ALA A 28 -1.82 -2.32 -7.11
C ALA A 28 -2.02 -1.50 -8.38
N LEU A 29 -1.09 -0.59 -8.62
CA LEU A 29 -1.13 0.22 -9.82
C LEU A 29 -0.59 -0.60 -10.98
N PRO A 30 -1.36 -0.78 -12.06
CA PRO A 30 -0.85 -1.58 -13.18
C PRO A 30 0.27 -0.87 -13.92
N ASN A 31 1.30 -1.64 -14.29
CA ASN A 31 2.45 -1.17 -15.04
C ASN A 31 2.83 0.25 -14.63
N PRO A 32 3.38 0.44 -13.44
CA PRO A 32 3.70 1.79 -12.99
C PRO A 32 4.64 2.49 -13.96
N GLN A 33 4.48 3.82 -14.05
CA GLN A 33 5.47 4.63 -14.72
C GLN A 33 6.80 4.56 -13.97
N GLU A 34 7.89 4.46 -14.73
CA GLU A 34 9.22 4.37 -14.14
C GLU A 34 10.04 5.65 -14.30
N ASN A 35 9.78 6.44 -15.33
CA ASN A 35 10.51 7.68 -15.58
C ASN A 35 9.54 8.84 -15.65
N LEU A 36 9.97 9.95 -15.09
CA LEU A 36 9.24 11.21 -15.18
C LEU A 36 9.72 12.01 -16.40
N PRO A 37 8.96 13.00 -16.83
CA PRO A 37 9.45 13.92 -17.85
C PRO A 37 10.83 14.46 -17.47
N ASP A 38 11.64 14.78 -18.48
CA ASP A 38 12.98 15.31 -18.23
C ASP A 38 12.96 16.50 -17.28
N PHE A 39 11.86 17.26 -17.28
CA PHE A 39 11.73 18.42 -16.41
C PHE A 39 12.01 18.10 -14.95
N TYR A 40 11.77 16.86 -14.55
CA TYR A 40 11.88 16.43 -13.16
C TYR A 40 13.13 15.60 -12.89
N ASN A 41 14.15 15.71 -13.75
CA ASN A 41 15.33 14.85 -13.59
C ASN A 41 16.00 15.05 -12.23
N ASP A 42 15.94 16.26 -11.67
CA ASP A 42 16.59 16.50 -10.37
C ASP A 42 15.91 15.72 -9.25
N TRP A 43 14.58 15.63 -9.28
CA TRP A 43 13.90 14.79 -8.29
C TRP A 43 14.27 13.34 -8.48
N MET A 44 14.26 12.88 -9.73
CA MET A 44 14.53 11.48 -10.02
CA MET A 44 14.53 11.48 -10.02
C MET A 44 15.94 11.11 -9.57
N PHE A 45 16.93 11.97 -9.84
CA PHE A 45 18.30 11.68 -9.42
C PHE A 45 18.36 11.43 -7.93
N ILE A 46 17.80 12.34 -7.13
CA ILE A 46 17.86 12.19 -5.68
C ILE A 46 17.23 10.85 -5.27
N ALA A 47 16.02 10.59 -5.77
CA ALA A 47 15.31 9.38 -5.35
C ALA A 47 16.07 8.13 -5.77
N LYS A 48 16.61 8.12 -6.99
CA LYS A 48 17.35 6.96 -7.47
CA LYS A 48 17.37 6.96 -7.47
C LYS A 48 18.65 6.74 -6.68
N HIS A 49 19.17 7.78 -6.03
CA HIS A 49 20.44 7.71 -5.31
C HIS A 49 20.29 7.81 -3.81
N LEU A 50 19.08 7.66 -3.28
CA LEU A 50 18.87 7.79 -1.84
C LEU A 50 19.84 6.94 -1.03
N PRO A 51 20.11 5.69 -1.39
CA PRO A 51 21.02 4.89 -0.54
C PRO A 51 22.37 5.56 -0.34
N ASP A 52 23.02 5.97 -1.42
CA ASP A 52 24.35 6.56 -1.29
C ASP A 52 24.31 7.99 -0.79
N LEU A 53 23.20 8.72 -1.04
CA LEU A 53 23.08 10.09 -0.51
C LEU A 53 22.84 10.09 1.00
N ILE A 54 22.04 9.15 1.50
CA ILE A 54 21.84 9.06 2.94
C ILE A 54 23.12 8.58 3.63
N GLU A 55 23.74 7.53 3.08
CA GLU A 55 24.91 6.94 3.72
C GLU A 55 26.06 7.94 3.78
N SER A 56 26.24 8.73 2.73
CA SER A 56 27.31 9.73 2.68
C SER A 56 26.94 11.01 3.42
N GLY A 57 25.74 11.09 4.00
CA GLY A 57 25.31 12.32 4.64
C GLY A 57 25.07 13.48 3.70
N GLN A 58 24.88 13.21 2.41
CA GLN A 58 24.72 14.26 1.40
C GLN A 58 23.26 14.57 1.07
N LEU A 59 22.31 13.76 1.55
CA LEU A 59 20.93 13.88 1.08
C LEU A 59 20.33 15.24 1.42
N ARG A 60 20.49 15.69 2.66
CA ARG A 60 19.78 16.90 3.10
C ARG A 60 20.29 18.14 2.35
N GLU A 61 21.60 18.25 2.16
CA GLU A 61 22.15 19.38 1.41
C GLU A 61 21.69 19.34 -0.04
N ARG A 62 21.62 18.13 -0.61
CA ARG A 62 21.15 17.98 -1.98
C ARG A 62 19.72 18.47 -2.12
N VAL A 63 18.86 18.09 -1.17
CA VAL A 63 17.46 18.53 -1.21
C VAL A 63 17.37 20.04 -1.04
N GLU A 64 18.19 20.61 -0.16
CA GLU A 64 18.14 22.03 0.11
C GLU A 64 18.63 22.87 -1.06
N LYS A 65 19.30 22.27 -2.03
CA LYS A 65 19.75 22.98 -3.22
C LYS A 65 18.81 22.81 -4.40
N LEU A 66 17.73 22.05 -4.25
CA LEU A 66 16.80 21.86 -5.34
C LEU A 66 16.08 23.17 -5.67
N ASN A 67 15.77 23.34 -6.95
CA ASN A 67 14.88 24.41 -7.36
C ASN A 67 13.43 23.95 -7.27
N MET A 68 12.53 24.93 -7.35
CA MET A 68 11.09 24.67 -7.36
C MET A 68 10.67 24.18 -8.74
N LEU A 69 10.10 22.99 -8.80
CA LEU A 69 9.59 22.43 -10.05
C LEU A 69 8.07 22.31 -9.94
N SER A 70 7.36 22.96 -10.85
CA SER A 70 5.91 22.93 -10.84
C SER A 70 5.40 21.54 -11.21
N ILE A 71 4.29 21.14 -10.57
CA ILE A 71 3.68 19.85 -10.86
C ILE A 71 2.78 19.89 -12.09
N ASP A 72 2.67 21.03 -12.76
CA ASP A 72 1.73 21.16 -13.87
C ASP A 72 2.03 20.18 -15.01
N HIS A 73 3.26 19.68 -15.12
CA HIS A 73 3.63 18.80 -16.22
C HIS A 73 3.40 17.32 -15.92
N LEU A 74 2.77 17.01 -14.79
CA LEU A 74 2.41 15.64 -14.43
C LEU A 74 0.94 15.51 -14.79
N THR A 75 0.67 15.13 -16.05
CA THR A 75 -0.66 15.32 -16.62
C THR A 75 -1.53 14.08 -16.58
N ASP A 76 -1.04 12.95 -16.09
CA ASP A 76 -1.87 11.77 -15.93
C ASP A 76 -1.64 11.13 -14.56
N HIS A 77 -2.53 10.19 -14.23
CA HIS A 77 -2.52 9.56 -12.92
C HIS A 77 -1.19 8.85 -12.63
N LYS A 78 -0.66 8.13 -13.63
CA LYS A 78 0.54 7.32 -13.38
C LYS A 78 1.76 8.21 -13.14
N SER A 79 1.89 9.32 -13.86
CA SER A 79 3.01 10.21 -13.63
C SER A 79 2.89 10.92 -12.30
N GLN A 80 1.66 11.18 -11.85
CA GLN A 80 1.46 11.79 -10.55
C GLN A 80 1.73 10.79 -9.42
N ARG A 81 1.39 9.52 -9.63
CA ARG A 81 1.70 8.49 -8.63
C ARG A 81 3.20 8.27 -8.53
N LEU A 82 3.91 8.22 -9.67
CA LEU A 82 5.36 8.15 -9.63
C LEU A 82 5.96 9.35 -8.88
N ALA A 83 5.51 10.55 -9.21
CA ALA A 83 6.03 11.76 -8.57
C ALA A 83 5.76 11.72 -7.06
N ARG A 84 4.58 11.27 -6.65
CA ARG A 84 4.28 11.15 -5.23
C ARG A 84 5.24 10.17 -4.55
N LEU A 85 5.59 9.09 -5.25
CA LEU A 85 6.51 8.11 -4.68
C LEU A 85 7.91 8.69 -4.55
N VAL A 86 8.39 9.34 -5.62
CA VAL A 86 9.68 10.03 -5.60
C VAL A 86 9.73 11.03 -4.45
N LEU A 87 8.77 11.95 -4.42
CA LEU A 87 8.80 13.00 -3.41
C LEU A 87 8.60 12.45 -2.01
N GLY A 88 7.83 11.35 -1.89
CA GLY A 88 7.60 10.77 -0.58
C GLY A 88 8.82 10.08 -0.02
N CYS A 89 9.56 9.37 -0.88
CA CYS A 89 10.80 8.75 -0.44
C CYS A 89 11.84 9.79 -0.04
N ILE A 90 11.98 10.84 -0.86
CA ILE A 90 12.88 11.94 -0.52
C ILE A 90 12.47 12.55 0.81
N THR A 91 11.17 12.70 1.03
CA THR A 91 10.70 13.31 2.28
C THR A 91 11.06 12.46 3.48
N MET A 92 10.83 11.14 3.40
CA MET A 92 11.17 10.28 4.53
C MET A 92 12.67 10.34 4.80
N ALA A 93 13.47 10.26 3.74
CA ALA A 93 14.92 10.33 3.87
C ALA A 93 15.36 11.66 4.47
N TYR A 94 14.70 12.76 4.08
CA TYR A 94 15.12 14.07 4.58
C TYR A 94 14.77 14.22 6.06
N VAL A 95 13.57 13.79 6.46
CA VAL A 95 13.14 13.99 7.85
C VAL A 95 13.98 13.14 8.79
N TRP A 96 14.16 11.86 8.48
CA TRP A 96 14.81 10.93 9.40
C TRP A 96 16.32 10.84 9.21
N GLY A 97 16.83 11.21 8.04
CA GLY A 97 18.27 11.16 7.84
C GLY A 97 18.76 9.73 7.95
N LYS A 98 19.85 9.53 8.68
CA LYS A 98 20.42 8.19 8.88
C LYS A 98 19.72 7.42 10.00
N GLY A 99 18.76 8.05 10.68
CA GLY A 99 17.98 7.34 11.67
C GLY A 99 18.64 7.20 13.02
N HIS A 100 19.50 8.14 13.38
CA HIS A 100 20.21 8.10 14.64
C HIS A 100 19.62 9.05 15.67
N GLY A 101 18.60 9.82 15.29
CA GLY A 101 18.00 10.82 16.14
C GLY A 101 18.13 12.24 15.63
N ASP A 102 19.02 12.49 14.66
CA ASP A 102 19.17 13.82 14.06
C ASP A 102 18.08 13.99 13.02
N VAL A 103 16.96 14.58 13.43
CA VAL A 103 15.78 14.72 12.57
C VAL A 103 15.64 16.16 12.13
N ARG A 104 14.92 16.36 11.02
CA ARG A 104 14.55 17.68 10.54
CA ARG A 104 14.55 17.68 10.54
C ARG A 104 13.06 17.88 10.77
N LYS A 105 12.70 19.03 11.33
CA LYS A 105 11.32 19.36 11.65
C LYS A 105 10.66 20.26 10.62
N VAL A 106 11.41 20.68 9.61
CA VAL A 106 10.90 21.55 8.54
C VAL A 106 11.30 20.93 7.22
N LEU A 107 10.31 20.60 6.40
CA LEU A 107 10.56 20.11 5.05
C LEU A 107 10.74 21.30 4.12
N PRO A 108 11.86 21.39 3.38
CA PRO A 108 12.08 22.57 2.53
C PRO A 108 10.99 22.75 1.49
N ARG A 109 10.67 24.02 1.18
CA ARG A 109 9.49 24.32 0.37
C ARG A 109 9.58 23.73 -1.03
N ASN A 110 10.78 23.64 -1.61
CA ASN A 110 10.88 23.15 -2.98
C ASN A 110 10.61 21.65 -3.08
N ILE A 111 10.46 20.96 -1.96
CA ILE A 111 9.85 19.65 -1.91
C ILE A 111 8.44 19.72 -1.33
N ALA A 112 8.25 20.47 -0.26
CA ALA A 112 7.00 20.42 0.48
C ALA A 112 5.82 20.92 -0.35
N VAL A 113 6.02 21.98 -1.13
CA VAL A 113 4.93 22.60 -1.89
C VAL A 113 4.52 21.68 -3.04
N PRO A 114 5.42 21.24 -3.93
CA PRO A 114 4.98 20.29 -4.98
C PRO A 114 4.42 18.99 -4.42
N TYR A 115 5.01 18.49 -3.34
CA TYR A 115 4.51 17.26 -2.73
C TYR A 115 3.09 17.44 -2.19
N CYS A 116 2.85 18.55 -1.48
CA CYS A 116 1.53 18.77 -0.88
C CYS A 116 0.47 19.04 -1.94
N GLN A 117 0.82 19.73 -3.03
CA GLN A 117 -0.14 19.96 -4.09
C GLN A 117 -0.48 18.67 -4.82
N LEU A 118 0.52 17.83 -5.10
CA LEU A 118 0.25 16.55 -5.73
C LEU A 118 -0.59 15.66 -4.80
N SER A 119 -0.30 15.72 -3.50
CA SER A 119 -1.08 14.95 -2.54
C SER A 119 -2.54 15.41 -2.50
N LYS A 120 -2.76 16.73 -2.55
CA LYS A 120 -4.12 17.27 -2.63
C LYS A 120 -4.85 16.76 -3.88
N LYS A 121 -4.18 16.80 -5.03
CA LYS A 121 -4.77 16.26 -6.26
C LYS A 121 -5.22 14.81 -6.09
N LEU A 122 -4.34 13.96 -5.53
CA LEU A 122 -4.62 12.54 -5.39
C LEU A 122 -5.43 12.21 -4.15
N GLU A 123 -5.69 13.22 -3.30
CA GLU A 123 -6.40 13.04 -2.03
CA GLU A 123 -6.39 13.05 -2.02
C GLU A 123 -5.69 12.01 -1.15
N LEU A 124 -4.36 12.09 -1.10
CA LEU A 124 -3.56 11.30 -0.18
C LEU A 124 -2.82 12.23 0.76
N PRO A 125 -2.52 11.79 1.99
CA PRO A 125 -1.78 12.66 2.90
C PRO A 125 -0.35 12.86 2.40
N PRO A 126 0.27 14.00 2.71
CA PRO A 126 1.65 14.29 2.28
C PRO A 126 2.68 13.54 3.12
N ILE A 127 2.61 12.21 3.08
CA ILE A 127 3.59 11.32 3.72
C ILE A 127 3.58 10.01 2.92
N LEU A 128 4.69 9.29 2.96
CA LEU A 128 4.74 8.03 2.24
C LEU A 128 3.68 7.08 2.78
N VAL A 129 2.91 6.45 1.88
CA VAL A 129 1.92 5.45 2.26
C VAL A 129 2.13 4.19 1.42
N TYR A 130 1.38 3.15 1.79
CA TYR A 130 1.42 1.86 1.11
C TYR A 130 1.21 2.01 -0.39
N ALA A 131 0.28 2.87 -0.80
CA ALA A 131 -0.03 3.01 -2.22
C ALA A 131 1.17 3.53 -3.00
N ASP A 132 2.12 4.20 -2.32
CA ASP A 132 3.37 4.62 -2.96
C ASP A 132 4.41 3.51 -2.91
N CYS A 133 4.87 3.16 -1.71
CA CYS A 133 6.08 2.37 -1.60
C CYS A 133 5.86 0.90 -1.98
N VAL A 134 4.62 0.44 -2.13
CA VAL A 134 4.36 -0.91 -2.62
C VAL A 134 3.55 -0.88 -3.92
N LEU A 135 2.37 -0.26 -3.89
CA LEU A 135 1.43 -0.44 -4.98
C LEU A 135 1.90 0.21 -6.27
N ALA A 136 2.75 1.25 -6.18
CA ALA A 136 3.29 1.92 -7.35
C ALA A 136 4.81 1.78 -7.50
N ASN A 137 5.47 1.08 -6.60
CA ASN A 137 6.93 1.07 -6.52
C ASN A 137 7.50 -0.23 -7.08
N TRP A 138 7.20 -0.50 -8.36
CA TRP A 138 7.61 -1.78 -8.94
C TRP A 138 7.64 -1.70 -10.46
N LYS A 139 8.33 -2.68 -11.06
CA LYS A 139 8.44 -2.84 -12.50
C LYS A 139 8.71 -4.31 -12.81
N LYS A 140 8.40 -4.69 -14.05
CA LYS A 140 8.81 -5.99 -14.59
C LYS A 140 10.19 -5.84 -15.20
N LYS A 141 11.10 -6.74 -14.82
CA LYS A 141 12.40 -6.78 -15.51
C LYS A 141 12.21 -7.05 -16.99
N ASP A 142 11.46 -8.11 -17.31
CA ASP A 142 11.18 -8.53 -18.68
C ASP A 142 9.68 -8.41 -18.92
N PRO A 143 9.22 -7.55 -19.82
CA PRO A 143 7.76 -7.34 -19.97
C PRO A 143 7.03 -8.58 -20.45
N ASN A 144 7.72 -9.51 -21.10
CA ASN A 144 7.09 -10.70 -21.65
C ASN A 144 7.00 -11.85 -20.66
N LYS A 145 7.62 -11.73 -19.50
CA LYS A 145 7.59 -12.77 -18.49
C LYS A 145 6.56 -12.44 -17.43
N PRO A 146 6.10 -13.44 -16.67
CA PRO A 146 5.02 -13.19 -15.70
C PRO A 146 5.44 -12.43 -14.45
N LEU A 147 4.47 -12.15 -13.58
CA LEU A 147 4.69 -11.38 -12.36
C LEU A 147 5.25 -12.31 -11.29
N THR A 148 6.58 -12.44 -11.25
CA THR A 148 7.27 -13.25 -10.26
C THR A 148 8.38 -12.41 -9.64
N TYR A 149 8.77 -12.79 -8.42
CA TYR A 149 9.85 -12.10 -7.74
C TYR A 149 11.08 -12.00 -8.64
N GLU A 150 11.46 -13.13 -9.25
CA GLU A 150 12.62 -13.17 -10.13
C GLU A 150 12.52 -12.18 -11.27
N ASN A 151 11.30 -11.89 -11.72
CA ASN A 151 11.09 -11.03 -12.88
C ASN A 151 10.60 -9.62 -12.50
N MET A 152 10.87 -9.18 -11.27
CA MET A 152 10.37 -7.90 -10.80
C MET A 152 11.41 -7.19 -9.96
N ASP A 153 11.26 -5.87 -9.84
CA ASP A 153 12.12 -5.05 -8.99
C ASP A 153 11.30 -3.87 -8.47
N VAL A 154 11.78 -3.27 -7.40
CA VAL A 154 11.23 -2.01 -6.93
C VAL A 154 11.90 -0.89 -7.69
N LEU A 155 11.26 0.29 -7.65
CA LEU A 155 11.86 1.47 -8.25
C LEU A 155 12.76 2.21 -7.27
N PHE A 156 12.44 2.19 -5.97
CA PHE A 156 13.22 2.96 -5.02
C PHE A 156 13.40 2.19 -3.73
N SER A 157 14.58 2.38 -3.14
CA SER A 157 14.92 1.87 -1.81
CA SER A 157 14.93 1.87 -1.82
C SER A 157 15.52 3.02 -1.01
N PHE A 158 15.63 2.82 0.30
CA PHE A 158 16.14 3.88 1.18
C PHE A 158 17.62 3.70 1.50
N ARG A 159 18.03 2.50 1.89
CA ARG A 159 19.42 2.22 2.24
C ARG A 159 19.81 0.88 1.64
N ASP A 160 21.06 0.76 1.22
CA ASP A 160 21.56 -0.53 0.77
C ASP A 160 21.52 -1.50 1.94
N GLY A 161 20.86 -2.64 1.73
CA GLY A 161 20.69 -3.60 2.78
C GLY A 161 19.46 -3.40 3.65
N ASP A 162 18.58 -2.47 3.31
CA ASP A 162 17.35 -2.28 4.08
C ASP A 162 16.29 -3.32 3.77
N CYS A 163 16.55 -4.18 2.78
CA CYS A 163 15.62 -5.26 2.39
C CYS A 163 14.30 -4.71 1.86
N SER A 164 14.34 -3.51 1.28
CA SER A 164 13.10 -2.91 0.80
C SER A 164 12.55 -3.66 -0.41
N LYS A 165 13.41 -4.25 -1.24
CA LYS A 165 12.91 -5.03 -2.36
C LYS A 165 12.13 -6.24 -1.85
N GLY A 166 12.71 -7.01 -0.93
CA GLY A 166 12.01 -8.16 -0.40
C GLY A 166 10.70 -7.77 0.26
N PHE A 167 10.75 -6.77 1.14
CA PHE A 167 9.56 -6.36 1.88
C PHE A 167 8.48 -5.85 0.95
N PHE A 168 8.82 -4.91 0.06
CA PHE A 168 7.81 -4.30 -0.79
C PHE A 168 7.30 -5.27 -1.84
N LEU A 169 8.21 -5.99 -2.51
CA LEU A 169 7.77 -6.87 -3.61
C LEU A 169 6.97 -8.06 -3.10
N VAL A 170 7.35 -8.63 -1.97
CA VAL A 170 6.55 -9.72 -1.42
C VAL A 170 5.16 -9.22 -1.07
N SER A 171 5.07 -8.04 -0.46
CA SER A 171 3.77 -7.43 -0.22
C SER A 171 2.98 -7.26 -1.51
N LEU A 172 3.65 -6.77 -2.55
CA LEU A 172 2.98 -6.54 -3.82
C LEU A 172 2.47 -7.85 -4.41
N LEU A 173 3.27 -8.92 -4.31
CA LEU A 173 2.88 -10.22 -4.84
C LEU A 173 1.72 -10.81 -4.05
N VAL A 174 1.62 -10.51 -2.75
CA VAL A 174 0.41 -10.88 -2.02
C VAL A 174 -0.80 -10.14 -2.59
N GLU A 175 -0.67 -8.81 -2.79
CA GLU A 175 -1.77 -8.05 -3.39
C GLU A 175 -2.14 -8.62 -4.76
N ILE A 176 -1.16 -9.04 -5.56
CA ILE A 176 -1.47 -9.55 -6.89
C ILE A 176 -2.22 -10.87 -6.79
N ALA A 177 -1.81 -11.74 -5.87
CA ALA A 177 -2.53 -12.98 -5.64
C ALA A 177 -3.99 -12.71 -5.28
N ALA A 178 -4.22 -11.74 -4.37
CA ALA A 178 -5.57 -11.38 -3.98
C ALA A 178 -6.37 -10.77 -5.13
N ALA A 179 -5.69 -10.21 -6.13
CA ALA A 179 -6.40 -9.65 -7.28
C ALA A 179 -7.27 -10.70 -7.94
N SER A 180 -6.79 -11.94 -8.01
CA SER A 180 -7.57 -13.00 -8.63
C SER A 180 -8.84 -13.31 -7.82
N ALA A 181 -8.86 -12.97 -6.54
CA ALA A 181 -10.07 -13.12 -5.75
C ALA A 181 -10.99 -11.91 -5.88
N ILE A 182 -10.43 -10.70 -5.96
CA ILE A 182 -11.23 -9.49 -6.04
C ILE A 182 -12.10 -9.50 -7.29
N LYS A 183 -11.57 -10.03 -8.40
CA LYS A 183 -12.31 -10.02 -9.65
C LYS A 183 -13.50 -10.96 -9.63
N VAL A 184 -13.53 -11.89 -8.67
CA VAL A 184 -14.67 -12.79 -8.50
C VAL A 184 -15.81 -12.14 -7.71
N ILE A 185 -15.53 -11.05 -6.96
CA ILE A 185 -16.54 -10.45 -6.09
C ILE A 185 -17.84 -10.16 -6.85
N PRO A 186 -17.81 -9.55 -8.04
CA PRO A 186 -19.08 -9.29 -8.75
C PRO A 186 -19.83 -10.57 -9.03
N THR A 187 -19.13 -11.66 -9.30
CA THR A 187 -19.80 -12.93 -9.56
C THR A 187 -20.51 -13.45 -8.32
N VAL A 188 -19.94 -13.20 -7.13
CA VAL A 188 -20.56 -13.64 -5.88
C VAL A 188 -21.94 -13.00 -5.73
N PHE A 189 -22.02 -11.69 -5.98
CA PHE A 189 -23.28 -10.99 -5.74
C PHE A 189 -24.29 -11.31 -6.84
N LYS A 190 -23.84 -11.47 -8.07
CA LYS A 190 -24.74 -11.91 -9.14
C LYS A 190 -25.33 -13.29 -8.83
N ALA A 191 -24.49 -14.22 -8.37
CA ALA A 191 -24.97 -15.57 -8.08
C ALA A 191 -25.99 -15.57 -6.95
N MET A 192 -25.83 -14.67 -5.98
CA MET A 192 -26.83 -14.56 -4.92
C MET A 192 -28.14 -14.05 -5.48
N GLN A 193 -28.09 -13.03 -6.35
CA GLN A 193 -29.31 -12.47 -6.93
C GLN A 193 -30.03 -13.48 -7.81
N MET A 194 -29.27 -14.24 -8.61
CA MET A 194 -29.84 -15.23 -9.52
C MET A 194 -30.09 -16.57 -8.84
N GLN A 195 -29.72 -16.70 -7.57
CA GLN A 195 -29.87 -17.95 -6.83
C GLN A 195 -29.20 -19.10 -7.60
N GLU A 196 -27.97 -18.85 -8.06
CA GLU A 196 -27.15 -19.82 -8.78
C GLU A 196 -26.22 -20.49 -7.78
N ARG A 197 -26.62 -21.68 -7.31
CA ARG A 197 -25.87 -22.35 -6.25
C ARG A 197 -24.43 -22.64 -6.68
N ASP A 198 -24.26 -23.28 -7.84
CA ASP A 198 -22.93 -23.70 -8.27
C ASP A 198 -22.04 -22.49 -8.57
N THR A 199 -22.61 -21.45 -9.19
CA THR A 199 -21.82 -20.26 -9.49
C THR A 199 -21.28 -19.63 -8.21
N LEU A 200 -22.11 -19.57 -7.17
CA LEU A 200 -21.65 -18.99 -5.91
C LEU A 200 -20.61 -19.86 -5.25
N LEU A 201 -20.82 -21.19 -5.26
CA LEU A 201 -19.87 -22.10 -4.65
C LEU A 201 -18.50 -21.98 -5.30
N LYS A 202 -18.47 -21.96 -6.63
CA LYS A 202 -17.20 -21.87 -7.34
C LYS A 202 -16.54 -20.51 -7.18
N ALA A 203 -17.34 -19.45 -7.04
CA ALA A 203 -16.75 -18.14 -6.74
C ALA A 203 -16.09 -18.14 -5.38
N LEU A 204 -16.76 -18.72 -4.38
CA LEU A 204 -16.20 -18.77 -3.02
C LEU A 204 -14.97 -19.67 -2.97
N LEU A 205 -14.98 -20.76 -3.74
CA LEU A 205 -13.81 -21.62 -3.77
C LEU A 205 -12.64 -20.95 -4.49
N GLU A 206 -12.93 -20.15 -5.50
CA GLU A 206 -11.86 -19.42 -6.18
C GLU A 206 -11.26 -18.36 -5.26
N ILE A 207 -12.11 -17.63 -4.53
CA ILE A 207 -11.61 -16.64 -3.58
C ILE A 207 -10.75 -17.32 -2.51
N ALA A 208 -11.24 -18.43 -1.95
CA ALA A 208 -10.45 -19.17 -0.98
C ALA A 208 -9.11 -19.60 -1.56
N SER A 209 -9.12 -20.14 -2.78
CA SER A 209 -7.89 -20.65 -3.39
C SER A 209 -6.89 -19.51 -3.61
N CYS A 210 -7.38 -18.34 -4.01
CA CYS A 210 -6.50 -17.20 -4.25
C CYS A 210 -5.93 -16.64 -2.95
N LEU A 211 -6.76 -16.58 -1.89
CA LEU A 211 -6.26 -16.08 -0.61
C LEU A 211 -5.28 -17.06 0.02
N GLU A 212 -5.48 -18.36 -0.22
CA GLU A 212 -4.52 -19.37 0.24
C GLU A 212 -3.19 -19.21 -0.48
N LYS A 213 -3.23 -19.05 -1.79
CA LYS A 213 -2.03 -18.73 -2.56
C LYS A 213 -1.37 -17.48 -2.01
N ALA A 214 -2.17 -16.47 -1.64
CA ALA A 214 -1.60 -15.22 -1.16
C ALA A 214 -0.81 -15.45 0.13
N LEU A 215 -1.29 -16.35 0.99
CA LEU A 215 -0.53 -16.67 2.20
C LEU A 215 0.77 -17.38 1.86
N GLN A 216 0.77 -18.23 0.83
CA GLN A 216 2.01 -18.90 0.42
C GLN A 216 3.00 -17.91 -0.15
N VAL A 217 2.53 -16.90 -0.87
CA VAL A 217 3.42 -15.82 -1.32
C VAL A 217 3.98 -15.06 -0.12
N PHE A 218 3.10 -14.72 0.85
CA PHE A 218 3.51 -14.02 2.07
C PHE A 218 4.65 -14.77 2.79
N HIS A 219 4.61 -16.11 2.76
CA HIS A 219 5.64 -16.91 3.42
C HIS A 219 7.04 -16.61 2.89
N GLN A 220 7.14 -16.07 1.68
CA GLN A 220 8.44 -15.75 1.09
C GLN A 220 9.15 -14.60 1.78
N ILE A 221 8.45 -13.85 2.64
CA ILE A 221 9.05 -12.68 3.26
C ILE A 221 10.36 -13.06 3.97
N HIS A 222 10.37 -14.22 4.65
CA HIS A 222 11.55 -14.58 5.44
C HIS A 222 12.78 -14.78 4.58
N ASP A 223 12.61 -15.14 3.31
CA ASP A 223 13.75 -15.40 2.45
C ASP A 223 14.33 -14.14 1.83
N HIS A 224 13.70 -12.98 1.97
CA HIS A 224 14.18 -11.78 1.33
C HIS A 224 14.25 -10.60 2.28
N VAL A 225 13.89 -10.79 3.55
CA VAL A 225 13.96 -9.75 4.55
C VAL A 225 14.60 -10.33 5.80
N ASN A 226 15.62 -9.64 6.31
CA ASN A 226 16.36 -9.95 7.54
C ASN A 226 15.75 -9.15 8.70
N PRO A 227 15.38 -9.80 9.81
CA PRO A 227 14.70 -9.05 10.89
C PRO A 227 15.49 -7.87 11.41
N LYS A 228 16.81 -8.00 11.56
CA LYS A 228 17.61 -6.92 12.11
C LYS A 228 17.64 -5.72 11.19
N ALA A 229 17.79 -5.96 9.88
CA ALA A 229 17.83 -4.86 8.92
C ALA A 229 16.48 -4.18 8.82
N PHE A 230 15.40 -4.96 8.83
CA PHE A 230 14.07 -4.36 8.80
C PHE A 230 13.84 -3.50 10.03
N PHE A 231 14.11 -4.05 11.21
CA PHE A 231 13.73 -3.34 12.44
C PHE A 231 14.61 -2.10 12.66
N SER A 232 15.90 -2.21 12.34
CA SER A 232 16.84 -1.14 12.64
CA SER A 232 16.84 -1.14 12.64
C SER A 232 17.06 -0.18 11.48
N VAL A 233 16.56 -0.49 10.28
CA VAL A 233 16.81 0.39 9.15
C VAL A 233 15.54 0.75 8.39
N LEU A 234 14.88 -0.24 7.77
CA LEU A 234 13.73 0.08 6.91
C LEU A 234 12.60 0.72 7.71
N ARG A 235 12.34 0.20 8.93
CA ARG A 235 11.26 0.70 9.77
C ARG A 235 11.37 2.20 10.01
N ILE A 236 12.60 2.73 10.00
CA ILE A 236 12.81 4.16 10.23
C ILE A 236 12.11 4.98 9.15
N TYR A 237 12.36 4.63 7.89
CA TYR A 237 11.84 5.42 6.77
C TYR A 237 10.36 5.20 6.54
N LEU A 238 9.76 4.23 7.24
CA LEU A 238 8.32 4.03 7.23
C LEU A 238 7.64 4.66 8.44
N SER A 239 8.41 5.35 9.29
CA SER A 239 7.87 5.97 10.49
C SER A 239 7.34 7.36 10.18
N GLY A 240 6.34 7.76 10.94
CA GLY A 240 5.64 9.01 10.66
C GLY A 240 5.79 10.03 11.78
N TRP A 241 4.99 11.09 11.71
CA TRP A 241 5.04 12.16 12.70
C TRP A 241 3.62 12.42 13.22
N LYS A 242 3.04 11.38 13.82
CA LYS A 242 1.75 11.46 14.48
C LYS A 242 1.87 10.68 15.78
N GLY A 243 1.81 11.38 16.90
CA GLY A 243 2.11 10.73 18.16
C GLY A 243 3.55 10.32 18.31
N ASN A 244 4.46 10.97 17.59
CA ASN A 244 5.86 10.62 17.64
C ASN A 244 6.60 11.63 18.49
N PRO A 245 7.19 11.23 19.62
CA PRO A 245 7.85 12.21 20.48
C PRO A 245 9.04 12.93 19.83
N GLN A 246 9.59 12.38 18.75
CA GLN A 246 10.66 13.07 18.05
C GLN A 246 10.16 14.23 17.21
N LEU A 247 8.87 14.19 16.84
CA LEU A 247 8.23 15.26 16.09
C LEU A 247 6.85 15.47 16.73
N SER A 248 6.87 15.91 18.00
CA SER A 248 5.67 15.88 18.83
C SER A 248 4.54 16.73 18.24
N ASP A 249 4.88 17.78 17.49
CA ASP A 249 3.88 18.62 16.87
C ASP A 249 3.67 18.31 15.40
N GLY A 250 4.44 17.38 14.85
CA GLY A 250 4.38 17.07 13.44
C GLY A 250 5.48 17.77 12.66
N LEU A 251 5.27 17.81 11.35
CA LEU A 251 6.24 18.33 10.41
C LEU A 251 5.75 19.64 9.81
N VAL A 252 6.65 20.59 9.66
CA VAL A 252 6.34 21.84 8.96
C VAL A 252 6.61 21.64 7.48
N TYR A 253 5.56 21.73 6.68
CA TYR A 253 5.66 21.70 5.22
C TYR A 253 5.86 23.13 4.74
N GLU A 254 7.12 23.53 4.60
CA GLU A 254 7.43 24.92 4.32
C GLU A 254 6.75 25.39 3.05
N GLY A 255 6.08 26.55 3.13
CA GLY A 255 5.41 27.13 1.99
C GLY A 255 4.02 26.58 1.71
N PHE A 256 3.55 25.62 2.50
CA PHE A 256 2.20 25.08 2.32
C PHE A 256 1.33 25.34 3.55
N TRP A 257 1.72 24.89 4.73
CA TRP A 257 1.05 25.26 5.96
C TRP A 257 2.01 26.04 6.86
N GLU A 258 1.44 26.95 7.65
CA GLU A 258 2.20 27.67 8.65
C GLU A 258 2.56 26.77 9.82
N ASP A 259 1.58 26.00 10.31
CA ASP A 259 1.75 25.17 11.50
C ASP A 259 2.19 23.76 11.13
N PRO A 260 2.95 23.11 12.02
CA PRO A 260 3.29 21.70 11.80
C PRO A 260 2.03 20.86 11.76
N LYS A 261 2.11 19.75 11.02
CA LYS A 261 0.97 18.87 10.80
C LYS A 261 1.38 17.42 11.05
N GLU A 262 0.51 16.68 11.74
CA GLU A 262 0.76 15.29 12.08
C GLU A 262 0.14 14.37 11.02
N PHE A 263 0.95 13.44 10.49
CA PHE A 263 0.48 12.36 9.63
C PHE A 263 1.16 11.07 10.05
N ALA A 264 0.40 9.98 9.97
CA ALA A 264 0.85 8.70 10.51
C ALA A 264 1.77 7.99 9.54
N GLY A 265 2.68 7.21 10.12
CA GLY A 265 3.54 6.33 9.35
C GLY A 265 2.80 5.08 8.89
N GLY A 266 3.57 4.20 8.27
CA GLY A 266 2.99 3.02 7.63
C GLY A 266 2.25 2.13 8.62
N SER A 267 1.23 1.46 8.12
CA SER A 267 0.46 0.49 8.89
C SER A 267 -0.05 -0.56 7.93
N ALA A 268 -0.15 -1.80 8.41
CA ALA A 268 -0.76 -2.85 7.60
C ALA A 268 -2.23 -2.55 7.33
N GLY A 269 -2.85 -1.70 8.15
CA GLY A 269 -4.21 -1.25 7.90
C GLY A 269 -4.35 -0.43 6.62
N GLN A 270 -3.24 -0.11 5.96
CA GLN A 270 -3.32 0.63 4.72
C GLN A 270 -3.57 -0.27 3.51
N SER A 271 -3.35 -1.57 3.66
CA SER A 271 -3.74 -2.50 2.61
C SER A 271 -5.25 -2.63 2.60
N SER A 272 -5.84 -2.52 1.41
CA SER A 272 -7.29 -2.67 1.29
C SER A 272 -7.72 -4.13 1.34
N VAL A 273 -6.78 -5.07 1.32
CA VAL A 273 -7.15 -6.48 1.22
C VAL A 273 -7.91 -6.93 2.47
N PHE A 274 -7.47 -6.49 3.65
CA PHE A 274 -8.10 -6.95 4.89
C PHE A 274 -9.56 -6.51 4.95
N GLN A 275 -9.82 -5.22 4.76
CA GLN A 275 -11.19 -4.72 4.86
C GLN A 275 -12.05 -5.21 3.71
N CYS A 276 -11.47 -5.41 2.53
CA CYS A 276 -12.24 -5.92 1.40
C CYS A 276 -12.90 -7.25 1.75
N PHE A 277 -12.12 -8.20 2.24
CA PHE A 277 -12.65 -9.53 2.49
C PHE A 277 -13.26 -9.68 3.88
N ASP A 278 -12.89 -8.81 4.83
CA ASP A 278 -13.67 -8.70 6.06
C ASP A 278 -15.12 -8.36 5.74
N VAL A 279 -15.33 -7.33 4.93
CA VAL A 279 -16.67 -6.89 4.57
C VAL A 279 -17.38 -7.96 3.75
N LEU A 280 -16.70 -8.47 2.72
CA LEU A 280 -17.34 -9.47 1.86
C LEU A 280 -17.85 -10.67 2.66
N LEU A 281 -17.07 -11.12 3.63
CA LEU A 281 -17.43 -12.29 4.41
C LEU A 281 -18.18 -11.94 5.69
N GLY A 282 -18.52 -10.67 5.89
CA GLY A 282 -19.26 -10.27 7.08
C GLY A 282 -18.57 -10.59 8.38
N ILE A 283 -17.24 -10.47 8.43
CA ILE A 283 -16.50 -10.78 9.65
C ILE A 283 -15.74 -9.55 10.13
N GLN A 284 -16.25 -8.37 9.79
CA GLN A 284 -15.70 -7.10 10.28
C GLN A 284 -16.22 -6.77 11.68
N GLY A 290 -14.62 3.19 19.70
CA GLY A 290 -13.48 2.30 19.58
C GLY A 290 -12.19 3.02 19.23
N HIS A 291 -11.15 2.79 20.03
CA HIS A 291 -9.83 3.34 19.71
C HIS A 291 -9.23 2.63 18.49
N ALA A 292 -9.42 1.31 18.40
CA ALA A 292 -8.94 0.57 17.24
C ALA A 292 -9.76 0.90 16.00
N ALA A 293 -11.08 1.08 16.16
CA ALA A 293 -11.93 1.41 15.04
C ALA A 293 -11.62 2.80 14.48
N GLN A 294 -11.17 3.71 15.33
CA GLN A 294 -10.79 5.04 14.86
C GLN A 294 -9.48 4.99 14.07
N PHE A 295 -8.52 4.18 14.53
CA PHE A 295 -7.26 4.04 13.80
C PHE A 295 -7.47 3.27 12.50
N LEU A 296 -8.30 2.23 12.54
CA LEU A 296 -8.70 1.55 11.30
C LEU A 296 -9.24 2.55 10.29
N GLN A 297 -10.25 3.34 10.70
CA GLN A 297 -10.87 4.25 9.74
C GLN A 297 -9.87 5.29 9.26
N ASP A 298 -8.98 5.73 10.15
CA ASP A 298 -7.96 6.70 9.74
C ASP A 298 -7.06 6.10 8.66
N MET A 299 -6.63 4.85 8.82
CA MET A 299 -5.76 4.28 7.79
C MET A 299 -6.52 4.05 6.49
N ARG A 300 -7.85 3.94 6.54
CA ARG A 300 -8.63 3.92 5.31
C ARG A 300 -8.41 5.20 4.51
N ARG A 301 -8.29 6.34 5.21
CA ARG A 301 -8.05 7.61 4.55
C ARG A 301 -6.63 7.73 3.99
N TYR A 302 -5.75 6.77 4.30
CA TYR A 302 -4.43 6.71 3.69
C TYR A 302 -4.39 5.79 2.47
N MET A 303 -5.52 5.16 2.14
CA MET A 303 -5.70 4.40 0.91
C MET A 303 -6.12 5.34 -0.22
N PRO A 304 -5.86 4.97 -1.47
CA PRO A 304 -6.38 5.75 -2.60
C PRO A 304 -7.87 5.98 -2.45
N PRO A 305 -8.38 7.17 -2.80
CA PRO A 305 -9.82 7.43 -2.59
C PRO A 305 -10.75 6.49 -3.36
N ALA A 306 -10.37 6.11 -4.58
CA ALA A 306 -11.18 5.16 -5.33
C ALA A 306 -11.33 3.83 -4.58
N HIS A 307 -10.28 3.42 -3.86
CA HIS A 307 -10.33 2.15 -3.13
C HIS A 307 -11.20 2.26 -1.88
N ARG A 308 -11.16 3.42 -1.20
CA ARG A 308 -12.12 3.66 -0.13
C ARG A 308 -13.54 3.52 -0.66
N ASN A 309 -13.82 4.09 -1.83
CA ASN A 309 -15.16 4.02 -2.40
C ASN A 309 -15.55 2.60 -2.76
N PHE A 310 -14.59 1.78 -3.22
CA PHE A 310 -14.92 0.38 -3.46
C PHE A 310 -15.30 -0.31 -2.17
N LEU A 311 -14.52 -0.07 -1.10
CA LEU A 311 -14.84 -0.66 0.19
C LEU A 311 -16.23 -0.23 0.67
N CYS A 312 -16.63 1.01 0.38
CA CYS A 312 -17.94 1.48 0.81
CA CYS A 312 -17.94 1.48 0.81
C CYS A 312 -19.05 0.77 0.04
N SER A 313 -18.91 0.67 -1.28
CA SER A 313 -19.90 -0.03 -2.10
C SER A 313 -20.07 -1.48 -1.66
N LEU A 314 -18.96 -2.14 -1.29
CA LEU A 314 -19.05 -3.51 -0.79
C LEU A 314 -19.94 -3.58 0.43
N GLU A 315 -19.78 -2.64 1.36
CA GLU A 315 -20.58 -2.62 2.59
C GLU A 315 -22.07 -2.42 2.31
N SER A 316 -22.43 -1.95 1.11
CA SER A 316 -23.83 -1.68 0.78
CA SER A 316 -23.83 -1.68 0.78
C SER A 316 -24.53 -2.87 0.15
N ASN A 317 -23.85 -3.98 -0.02
CA ASN A 317 -24.45 -5.17 -0.64
C ASN A 317 -25.05 -6.09 0.40
N PRO A 318 -25.91 -7.02 -0.04
CA PRO A 318 -26.45 -8.03 0.88
C PRO A 318 -25.32 -8.89 1.46
N SER A 319 -25.63 -9.54 2.59
CA SER A 319 -24.63 -10.29 3.32
C SER A 319 -24.41 -11.66 2.68
N VAL A 320 -23.17 -11.90 2.24
CA VAL A 320 -22.79 -13.23 1.75
C VAL A 320 -22.95 -14.26 2.86
N ARG A 321 -22.54 -13.91 4.08
CA ARG A 321 -22.57 -14.85 5.19
C ARG A 321 -23.98 -15.31 5.51
N GLU A 322 -24.93 -14.37 5.59
CA GLU A 322 -26.29 -14.77 5.93
C GLU A 322 -26.95 -15.53 4.79
N PHE A 323 -26.64 -15.17 3.53
CA PHE A 323 -27.15 -15.96 2.41
C PHE A 323 -26.66 -17.40 2.49
N VAL A 324 -25.35 -17.60 2.73
CA VAL A 324 -24.79 -18.94 2.73
C VAL A 324 -25.37 -19.78 3.87
N LEU A 325 -25.46 -19.21 5.06
CA LEU A 325 -25.86 -19.98 6.23
C LEU A 325 -27.37 -20.25 6.29
N SER A 326 -28.13 -19.71 5.35
CA SER A 326 -29.57 -19.98 5.28
C SER A 326 -29.92 -21.11 4.31
N LYS A 327 -28.94 -21.70 3.61
CA LYS A 327 -29.22 -22.58 2.49
C LYS A 327 -29.22 -24.07 2.84
N GLY A 328 -28.88 -24.43 4.07
CA GLY A 328 -28.71 -25.83 4.41
C GLY A 328 -27.85 -26.54 3.38
N ASP A 329 -26.70 -25.95 3.07
CA ASP A 329 -25.85 -26.35 1.95
C ASP A 329 -24.41 -26.48 2.43
N ALA A 330 -23.97 -27.72 2.62
CA ALA A 330 -22.64 -27.97 3.18
C ALA A 330 -21.54 -27.41 2.30
N GLY A 331 -21.66 -27.60 0.98
CA GLY A 331 -20.62 -27.16 0.08
C GLY A 331 -20.44 -25.66 0.09
N LEU A 332 -21.55 -24.91 0.04
CA LEU A 332 -21.50 -23.46 0.13
C LEU A 332 -20.90 -23.01 1.45
N ARG A 333 -21.28 -23.66 2.54
CA ARG A 333 -20.78 -23.24 3.84
C ARG A 333 -19.30 -23.56 3.99
N GLU A 334 -18.85 -24.68 3.42
CA GLU A 334 -17.45 -25.06 3.50
C GLU A 334 -16.58 -24.14 2.66
N ALA A 335 -17.10 -23.74 1.50
CA ALA A 335 -16.38 -22.75 0.69
C ALA A 335 -16.31 -21.41 1.40
N TYR A 336 -17.44 -20.96 1.97
CA TYR A 336 -17.42 -19.75 2.80
C TYR A 336 -16.39 -19.88 3.94
N ASP A 337 -16.44 -20.99 4.67
CA ASP A 337 -15.51 -21.20 5.78
C ASP A 337 -14.06 -21.22 5.31
N ALA A 338 -13.81 -21.75 4.11
CA ALA A 338 -12.46 -21.75 3.58
C ALA A 338 -11.98 -20.34 3.31
N CYS A 339 -12.88 -19.45 2.87
CA CYS A 339 -12.53 -18.05 2.67
C CYS A 339 -12.18 -17.39 4.00
N VAL A 340 -13.03 -17.61 5.01
CA VAL A 340 -12.77 -17.03 6.33
C VAL A 340 -11.44 -17.52 6.87
N LYS A 341 -11.22 -18.83 6.78
CA LYS A 341 -9.98 -19.41 7.29
C LYS A 341 -8.78 -18.77 6.62
N ALA A 342 -8.83 -18.62 5.30
CA ALA A 342 -7.74 -18.02 4.55
C ALA A 342 -7.47 -16.60 5.03
N LEU A 343 -8.52 -15.80 5.25
CA LEU A 343 -8.33 -14.42 5.64
C LEU A 343 -7.78 -14.33 7.07
N VAL A 344 -8.29 -15.18 7.96
CA VAL A 344 -7.79 -15.23 9.33
C VAL A 344 -6.32 -15.65 9.35
N SER A 345 -5.93 -16.56 8.46
CA SER A 345 -4.54 -16.99 8.40
C SER A 345 -3.61 -15.88 7.94
N LEU A 346 -4.09 -15.01 7.06
CA LEU A 346 -3.32 -13.85 6.63
C LEU A 346 -3.17 -12.84 7.76
N ARG A 347 -4.25 -12.62 8.52
CA ARG A 347 -4.16 -11.76 9.71
C ARG A 347 -3.20 -12.34 10.73
N SER A 348 -3.30 -13.66 10.95
CA SER A 348 -2.46 -14.32 11.93
CA SER A 348 -2.46 -14.32 11.93
C SER A 348 -1.00 -14.30 11.51
N TYR A 349 -0.74 -14.38 10.20
CA TYR A 349 0.63 -14.31 9.73
C TYR A 349 1.18 -12.91 9.84
N HIS A 350 0.33 -11.90 9.60
CA HIS A 350 0.75 -10.53 9.80
C HIS A 350 1.19 -10.32 11.24
N LEU A 351 0.43 -10.88 12.18
CA LEU A 351 0.76 -10.72 13.58
C LEU A 351 2.04 -11.47 13.93
N GLN A 352 2.31 -12.59 13.26
CA GLN A 352 3.58 -13.28 13.45
C GLN A 352 4.74 -12.45 12.93
N ILE A 353 4.57 -11.80 11.77
CA ILE A 353 5.63 -10.96 11.22
C ILE A 353 5.89 -9.76 12.13
N VAL A 354 4.83 -9.16 12.67
CA VAL A 354 5.01 -8.05 13.59
C VAL A 354 5.84 -8.51 14.79
N THR A 355 5.63 -9.74 15.25
CA THR A 355 6.35 -10.24 16.41
C THR A 355 7.80 -10.54 16.08
N LYS A 356 8.05 -11.21 14.95
CA LYS A 356 9.42 -11.63 14.63
C LYS A 356 10.25 -10.49 14.08
N TYR A 357 9.63 -9.48 13.46
CA TYR A 357 10.38 -8.42 12.80
C TYR A 357 10.30 -7.08 13.53
N ILE A 358 9.48 -6.96 14.58
CA ILE A 358 9.40 -5.69 15.30
C ILE A 358 9.49 -5.92 16.81
N LEU A 359 8.56 -6.71 17.36
CA LEU A 359 8.48 -6.82 18.83
C LEU A 359 9.71 -7.50 19.40
N ILE A 360 10.22 -8.52 18.72
CA ILE A 360 11.38 -9.25 19.21
C ILE A 360 12.62 -8.39 19.04
N PRO A 361 12.97 -7.97 17.82
CA PRO A 361 14.13 -7.06 17.68
C PRO A 361 14.10 -5.89 18.66
N ALA A 362 12.91 -5.39 19.02
CA ALA A 362 12.82 -4.29 19.97
C ALA A 362 13.16 -4.74 21.38
N SER A 363 12.74 -5.95 21.76
N SER A 363 12.76 -5.96 21.75
CA SER A 363 13.13 -6.50 23.05
CA SER A 363 13.12 -6.49 23.06
C SER A 363 14.64 -6.44 23.22
C SER A 363 14.64 -6.52 23.24
N GLN A 364 15.39 -6.66 22.15
CA GLN A 364 16.84 -6.72 22.20
C GLN A 364 17.46 -5.33 22.12
#